data_1YK7
#
_entry.id   1YK7
#
_cell.length_a   32.241
_cell.length_b   66.653
_cell.length_c   93.187
_cell.angle_alpha   90.00
_cell.angle_beta   90.00
_cell.angle_gamma   90.00
#
_symmetry.space_group_name_H-M   'P 21 21 21'
#
loop_
_entity.id
_entity.type
_entity.pdbx_description
1 polymer 'Cathepsin K'
2 non-polymer N2-[(BENZYLOXY)CARBONYL]-N1-[(3S)-1-CYANOPYRROLIDIN-3-YL]-L-LEUCINAMIDE
3 water water
#
_entity_poly.entity_id   1
_entity_poly.type   'polypeptide(L)'
_entity_poly.pdbx_seq_one_letter_code
;APDSVDYRKKGYVTPVKNQGQCGSCWAFSSVGALEGQLKKKTGKLLNLSPQNLVDCVSENDGCGGGYMTNAFQYVQKNRG
IDSEDAYPYVGQEESCMYNPTGKAAKCRGYREIPEGNEKALKRAVARVGPVSVAIDASLTSFQFYSKGVYYDESCNSDNL
NHAVLAVGYGIQKGNKHWIIKNSWGENWGNKGYILMARNKNNACGIANLASFPKM
;
_entity_poly.pdbx_strand_id   A
#
loop_
_chem_comp.id
_chem_comp.type
_chem_comp.name
_chem_comp.formula
NBL non-polymer N2-[(BENZYLOXY)CARBONYL]-N1-[(3S)-1-CYANOPYRROLIDIN-3-YL]-L-LEUCINAMIDE 'C19 H26 N4 O3'
#
# COMPACT_ATOMS: atom_id res chain seq x y z
N ALA A 1 10.63 -17.68 7.32
CA ALA A 1 10.39 -16.21 7.34
C ALA A 1 11.43 -15.53 8.22
N PRO A 2 12.23 -14.64 7.64
CA PRO A 2 13.28 -13.91 8.38
C PRO A 2 12.70 -13.08 9.52
N ASP A 3 13.52 -12.85 10.55
CA ASP A 3 13.09 -12.05 11.70
C ASP A 3 12.72 -10.64 11.28
N SER A 4 13.44 -10.12 10.28
CA SER A 4 13.14 -8.79 9.78
C SER A 4 13.40 -8.73 8.28
N VAL A 5 12.50 -8.04 7.58
CA VAL A 5 12.56 -7.85 6.13
C VAL A 5 12.27 -6.38 5.80
N ASP A 6 13.09 -5.78 4.96
CA ASP A 6 12.92 -4.38 4.56
C ASP A 6 13.15 -4.33 3.05
N TYR A 7 12.06 -4.31 2.28
CA TYR A 7 12.19 -4.28 0.82
C TYR A 7 12.76 -3.01 0.25
N ARG A 8 12.96 -2.01 1.10
CA ARG A 8 13.53 -0.75 0.64
C ARG A 8 15.02 -1.00 0.37
N LYS A 9 15.57 -2.01 1.03
CA LYS A 9 16.98 -2.35 0.89
C LYS A 9 17.19 -3.22 -0.34
N LYS A 10 16.10 -3.57 -1.01
CA LYS A 10 16.18 -4.40 -2.19
C LYS A 10 15.65 -3.70 -3.44
N GLY A 11 15.42 -2.39 -3.33
CA GLY A 11 14.93 -1.63 -4.46
C GLY A 11 13.55 -2.02 -4.95
N TYR A 12 12.68 -2.42 -4.03
CA TYR A 12 11.31 -2.81 -4.36
C TYR A 12 10.37 -1.61 -4.18
N VAL A 13 10.88 -0.55 -3.57
CA VAL A 13 10.05 0.61 -3.28
C VAL A 13 10.47 1.93 -3.93
N THR A 14 9.50 2.62 -4.51
CA THR A 14 9.73 3.90 -5.15
C THR A 14 9.58 4.96 -4.05
N PRO A 15 9.77 6.24 -4.39
CA PRO A 15 9.66 7.32 -3.40
C PRO A 15 8.25 7.53 -2.84
N VAL A 16 8.18 8.18 -1.68
CA VAL A 16 6.91 8.47 -1.04
C VAL A 16 6.14 9.49 -1.88
N LYS A 17 4.86 9.21 -2.10
CA LYS A 17 3.99 10.08 -2.88
C LYS A 17 3.09 10.90 -1.97
N ASN A 18 2.27 11.75 -2.58
CA ASN A 18 1.34 12.58 -1.81
C ASN A 18 -0.03 12.56 -2.50
N GLN A 19 -0.99 11.85 -1.91
CA GLN A 19 -2.33 11.73 -2.50
C GLN A 19 -3.17 13.00 -2.44
N GLY A 20 -2.64 14.04 -1.81
CA GLY A 20 -3.38 15.28 -1.72
C GLY A 20 -4.62 15.12 -0.87
N GLN A 21 -5.69 15.81 -1.22
CA GLN A 21 -6.93 15.73 -0.46
C GLN A 21 -7.82 14.58 -0.94
N CYS A 22 -7.54 14.10 -2.15
CA CYS A 22 -8.27 13.00 -2.78
C CYS A 22 -8.16 11.73 -1.91
N GLY A 23 -9.29 11.08 -1.63
CA GLY A 23 -9.25 9.88 -0.82
C GLY A 23 -8.87 8.65 -1.64
N SER A 24 -7.70 8.73 -2.27
CA SER A 24 -7.23 7.66 -3.12
C SER A 24 -6.13 6.80 -2.49
N CYS A 25 -6.10 6.72 -1.17
CA CYS A 25 -5.07 5.91 -0.53
C CYS A 25 -5.08 4.50 -1.10
N TRP A 26 -6.27 3.98 -1.41
CA TRP A 26 -6.37 2.64 -1.94
C TRP A 26 -5.65 2.52 -3.27
N ALA A 27 -5.55 3.63 -4.00
CA ALA A 27 -4.88 3.64 -5.28
C ALA A 27 -3.37 3.57 -5.07
N PHE A 28 -2.86 4.37 -4.12
CA PHE A 28 -1.44 4.36 -3.83
C PHE A 28 -1.01 3.06 -3.19
N SER A 29 -1.89 2.48 -2.37
CA SER A 29 -1.59 1.22 -1.72
C SER A 29 -1.47 0.09 -2.75
N SER A 30 -2.34 0.14 -3.76
CA SER A 30 -2.33 -0.86 -4.83
C SER A 30 -1.08 -0.68 -5.71
N VAL A 31 -0.86 0.54 -6.17
CA VAL A 31 0.29 0.85 -7.02
C VAL A 31 1.58 0.42 -6.32
N GLY A 32 1.71 0.74 -5.04
CA GLY A 32 2.89 0.37 -4.29
C GLY A 32 3.09 -1.13 -4.28
N ALA A 33 2.01 -1.88 -4.14
CA ALA A 33 2.11 -3.34 -4.12
C ALA A 33 2.55 -3.83 -5.49
N LEU A 34 2.04 -3.18 -6.54
CA LEU A 34 2.38 -3.56 -7.90
C LEU A 34 3.84 -3.27 -8.22
N GLU A 35 4.31 -2.09 -7.85
CA GLU A 35 5.70 -1.68 -8.07
C GLU A 35 6.63 -2.73 -7.48
N GLY A 36 6.30 -3.22 -6.28
CA GLY A 36 7.11 -4.22 -5.62
C GLY A 36 7.19 -5.48 -6.45
N GLN A 37 6.05 -5.93 -6.98
CA GLN A 37 6.04 -7.14 -7.79
C GLN A 37 6.69 -6.93 -9.15
N LEU A 38 6.56 -5.73 -9.71
CA LEU A 38 7.16 -5.42 -11.00
C LEU A 38 8.68 -5.49 -10.92
N LYS A 39 9.24 -4.99 -9.82
CA LYS A 39 10.69 -5.01 -9.62
C LYS A 39 11.17 -6.44 -9.40
N LYS A 40 10.45 -7.18 -8.56
CA LYS A 40 10.78 -8.56 -8.23
C LYS A 40 10.75 -9.46 -9.47
N LYS A 41 9.79 -9.21 -10.34
CA LYS A 41 9.63 -10.00 -11.54
C LYS A 41 10.50 -9.56 -12.73
N THR A 42 10.43 -8.28 -13.10
CA THR A 42 11.21 -7.80 -14.24
C THR A 42 12.60 -7.29 -13.88
N GLY A 43 12.80 -6.98 -12.61
CA GLY A 43 14.10 -6.47 -12.21
C GLY A 43 14.20 -4.96 -12.29
N LYS A 44 13.16 -4.29 -12.76
CA LYS A 44 13.21 -2.84 -12.81
C LYS A 44 12.16 -2.22 -11.89
N LEU A 45 12.52 -1.07 -11.33
CA LEU A 45 11.64 -0.35 -10.42
C LEU A 45 11.03 0.82 -11.16
N LEU A 46 9.71 0.80 -11.32
CA LEU A 46 9.01 1.88 -12.01
C LEU A 46 7.86 2.47 -11.19
N ASN A 47 7.61 3.76 -11.40
CA ASN A 47 6.53 4.48 -10.73
C ASN A 47 5.22 4.23 -11.49
N LEU A 48 4.29 3.52 -10.87
CA LEU A 48 3.01 3.23 -11.53
C LEU A 48 1.98 4.33 -11.28
N SER A 49 0.96 4.38 -12.13
CA SER A 49 -0.07 5.40 -12.04
C SER A 49 -1.28 5.17 -11.15
N PRO A 50 -1.37 5.90 -10.02
CA PRO A 50 -2.52 5.73 -9.14
C PRO A 50 -3.74 6.45 -9.74
N GLN A 51 -3.46 7.50 -10.50
CA GLN A 51 -4.50 8.30 -11.15
C GLN A 51 -5.31 7.41 -12.09
N ASN A 52 -4.62 6.46 -12.70
CA ASN A 52 -5.20 5.50 -13.64
C ASN A 52 -6.26 4.68 -12.90
N LEU A 53 -5.97 4.29 -11.66
CA LEU A 53 -6.90 3.51 -10.87
C LEU A 53 -8.08 4.38 -10.46
N VAL A 54 -7.76 5.55 -9.94
CA VAL A 54 -8.78 6.50 -9.48
C VAL A 54 -9.78 6.81 -10.59
N ASP A 55 -9.26 7.01 -11.78
CA ASP A 55 -10.09 7.33 -12.93
C ASP A 55 -10.77 6.16 -13.63
N CYS A 56 -10.10 5.00 -13.65
CA CYS A 56 -10.63 3.84 -14.37
C CYS A 56 -11.32 2.70 -13.63
N VAL A 57 -10.98 2.48 -12.37
CA VAL A 57 -11.62 1.42 -11.61
C VAL A 57 -12.98 1.93 -11.16
N SER A 58 -13.99 1.77 -11.99
CA SER A 58 -15.33 2.23 -11.66
C SER A 58 -15.96 1.36 -10.58
N GLU A 59 -15.27 0.29 -10.18
CA GLU A 59 -15.77 -0.58 -9.13
C GLU A 59 -15.56 0.08 -7.79
N ASN A 60 -14.73 1.13 -7.78
CA ASN A 60 -14.45 1.90 -6.58
C ASN A 60 -15.13 3.25 -6.70
N ASP A 61 -14.91 4.11 -5.70
CA ASP A 61 -15.53 5.42 -5.67
C ASP A 61 -14.54 6.57 -5.84
N GLY A 62 -13.54 6.35 -6.70
CA GLY A 62 -12.54 7.38 -6.96
C GLY A 62 -11.96 8.07 -5.73
N CYS A 63 -12.11 9.39 -5.66
CA CYS A 63 -11.58 10.14 -4.53
C CYS A 63 -12.37 9.87 -3.25
N GLY A 64 -13.49 9.17 -3.40
CA GLY A 64 -14.31 8.86 -2.25
C GLY A 64 -13.84 7.63 -1.49
N GLY A 65 -13.19 6.72 -2.19
CA GLY A 65 -12.70 5.51 -1.55
C GLY A 65 -12.72 4.36 -2.54
N GLY A 66 -12.27 3.19 -2.10
CA GLY A 66 -12.25 2.03 -2.97
C GLY A 66 -11.50 0.89 -2.32
N TYR A 67 -11.49 -0.26 -2.98
CA TYR A 67 -10.78 -1.41 -2.44
C TYR A 67 -9.59 -1.81 -3.29
N MET A 68 -8.50 -2.21 -2.63
CA MET A 68 -7.32 -2.64 -3.34
C MET A 68 -7.68 -3.82 -4.23
N THR A 69 -8.62 -4.64 -3.79
CA THR A 69 -9.04 -5.80 -4.57
C THR A 69 -9.57 -5.45 -5.94
N ASN A 70 -10.51 -4.49 -6.00
CA ASN A 70 -11.06 -4.07 -7.28
C ASN A 70 -9.94 -3.48 -8.11
N ALA A 71 -9.06 -2.74 -7.44
CA ALA A 71 -7.91 -2.14 -8.08
C ALA A 71 -7.10 -3.19 -8.83
N PHE A 72 -6.75 -4.27 -8.13
CA PHE A 72 -5.97 -5.36 -8.73
C PHE A 72 -6.74 -6.05 -9.84
N GLN A 73 -8.02 -6.31 -9.61
CA GLN A 73 -8.80 -6.98 -10.65
C GLN A 73 -8.88 -6.14 -11.92
N TYR A 74 -8.94 -4.82 -11.74
CA TYR A 74 -9.00 -3.91 -12.88
C TYR A 74 -7.73 -4.01 -13.70
N VAL A 75 -6.57 -3.86 -13.06
CA VAL A 75 -5.30 -3.94 -13.75
C VAL A 75 -5.24 -5.23 -14.56
N GLN A 76 -5.72 -6.30 -13.95
CA GLN A 76 -5.76 -7.62 -14.57
C GLN A 76 -6.62 -7.61 -15.82
N LYS A 77 -7.92 -7.38 -15.65
CA LYS A 77 -8.86 -7.36 -16.77
C LYS A 77 -8.58 -6.30 -17.81
N ASN A 78 -7.97 -5.19 -17.40
CA ASN A 78 -7.63 -4.10 -18.32
C ASN A 78 -6.35 -4.47 -19.07
N ARG A 79 -5.66 -5.49 -18.57
CA ARG A 79 -4.41 -5.98 -19.17
C ARG A 79 -3.25 -5.02 -18.94
N GLY A 80 -3.27 -4.32 -17.81
CA GLY A 80 -2.18 -3.43 -17.51
C GLY A 80 -2.54 -2.12 -16.84
N ILE A 81 -1.52 -1.48 -16.29
CA ILE A 81 -1.67 -0.21 -15.63
C ILE A 81 -0.60 0.70 -16.23
N ASP A 82 -0.93 1.97 -16.44
CA ASP A 82 0.05 2.89 -17.01
C ASP A 82 1.06 3.30 -15.95
N SER A 83 2.16 3.91 -16.42
CA SER A 83 3.20 4.39 -15.53
C SER A 83 2.71 5.74 -15.01
N GLU A 84 3.24 6.18 -13.88
CA GLU A 84 2.87 7.47 -13.32
C GLU A 84 3.20 8.50 -14.37
N ASP A 85 4.26 8.22 -15.12
CA ASP A 85 4.73 9.11 -16.17
C ASP A 85 3.72 9.27 -17.31
N ALA A 86 3.16 8.15 -17.77
CA ALA A 86 2.20 8.19 -18.86
C ALA A 86 0.78 8.53 -18.38
N TYR A 87 0.56 8.49 -17.07
CA TYR A 87 -0.75 8.80 -16.51
C TYR A 87 -0.55 9.55 -15.19
N PRO A 88 -0.16 10.83 -15.28
CA PRO A 88 0.10 11.71 -14.14
C PRO A 88 -1.02 11.84 -13.11
N TYR A 89 -0.63 11.90 -11.84
CA TYR A 89 -1.57 12.03 -10.73
C TYR A 89 -2.00 13.49 -10.64
N VAL A 90 -3.30 13.72 -10.54
CA VAL A 90 -3.81 15.09 -10.44
C VAL A 90 -4.56 15.35 -9.13
N GLY A 91 -4.92 14.29 -8.43
CA GLY A 91 -5.59 14.47 -7.16
C GLY A 91 -7.09 14.63 -7.18
N GLN A 92 -7.71 14.38 -8.31
CA GLN A 92 -9.17 14.44 -8.40
C GLN A 92 -9.63 13.52 -9.49
N GLU A 93 -10.81 12.94 -9.31
CA GLU A 93 -11.35 11.99 -10.28
C GLU A 93 -11.61 12.65 -11.62
N GLU A 94 -11.17 11.98 -12.67
CA GLU A 94 -11.37 12.46 -14.03
C GLU A 94 -11.77 11.29 -14.93
N SER A 95 -12.11 11.58 -16.17
CA SER A 95 -12.52 10.55 -17.11
C SER A 95 -11.35 9.61 -17.41
N CYS A 96 -11.63 8.31 -17.44
CA CYS A 96 -10.60 7.33 -17.71
C CYS A 96 -9.82 7.65 -18.98
N MET A 97 -8.50 7.74 -18.84
CA MET A 97 -7.62 8.03 -19.98
C MET A 97 -6.50 7.02 -20.10
N TYR A 98 -6.80 5.76 -19.83
CA TYR A 98 -5.82 4.69 -19.92
C TYR A 98 -5.29 4.62 -21.35
N ASN A 99 -3.98 4.48 -21.47
CA ASN A 99 -3.32 4.40 -22.77
C ASN A 99 -2.42 3.17 -22.77
N PRO A 100 -2.78 2.13 -23.52
CA PRO A 100 -1.97 0.91 -23.57
C PRO A 100 -0.47 1.11 -23.87
N THR A 101 -0.12 2.13 -24.65
CA THR A 101 1.30 2.34 -24.94
C THR A 101 2.06 2.63 -23.66
N GLY A 102 1.41 3.34 -22.73
CA GLY A 102 2.07 3.67 -21.48
C GLY A 102 1.98 2.55 -20.44
N LYS A 103 1.62 1.35 -20.90
CA LYS A 103 1.50 0.19 -20.02
C LYS A 103 2.82 -0.17 -19.38
N ALA A 104 2.88 -0.14 -18.06
CA ALA A 104 4.12 -0.43 -17.32
C ALA A 104 4.14 -1.74 -16.52
N ALA A 105 2.97 -2.28 -16.19
CA ALA A 105 2.90 -3.52 -15.43
C ALA A 105 1.58 -4.26 -15.62
N LYS A 106 1.63 -5.58 -15.43
CA LYS A 106 0.45 -6.41 -15.56
C LYS A 106 0.14 -7.11 -14.24
N CYS A 107 -1.00 -7.80 -14.21
CA CYS A 107 -1.44 -8.46 -12.99
C CYS A 107 -2.32 -9.68 -13.31
N ARG A 108 -2.11 -10.79 -12.61
CA ARG A 108 -2.92 -11.99 -12.85
C ARG A 108 -3.99 -12.17 -11.78
N GLY A 109 -4.31 -11.10 -11.07
CA GLY A 109 -5.31 -11.19 -10.02
C GLY A 109 -4.65 -10.88 -8.69
N TYR A 110 -5.30 -11.22 -7.58
CA TYR A 110 -4.72 -10.94 -6.27
C TYR A 110 -4.98 -12.02 -5.23
N ARG A 111 -4.31 -11.91 -4.10
CA ARG A 111 -4.50 -12.87 -3.02
C ARG A 111 -4.83 -12.09 -1.76
N GLU A 112 -5.56 -12.71 -0.86
CA GLU A 112 -5.94 -12.06 0.38
C GLU A 112 -5.35 -12.80 1.56
N ILE A 113 -4.79 -12.05 2.50
CA ILE A 113 -4.20 -12.65 3.70
C ILE A 113 -5.30 -12.98 4.71
N PRO A 114 -5.24 -14.18 5.32
CA PRO A 114 -6.24 -14.59 6.29
C PRO A 114 -6.61 -13.45 7.23
N GLU A 115 -7.89 -13.10 7.26
CA GLU A 115 -8.40 -12.01 8.07
C GLU A 115 -7.92 -11.98 9.53
N GLY A 116 -7.16 -10.95 9.87
CA GLY A 116 -6.67 -10.78 11.23
C GLY A 116 -5.42 -11.56 11.61
N ASN A 117 -4.84 -12.29 10.68
CA ASN A 117 -3.66 -13.08 10.98
C ASN A 117 -2.33 -12.36 10.69
N GLU A 118 -1.75 -11.74 11.71
CA GLU A 118 -0.48 -11.03 11.54
C GLU A 118 0.66 -11.96 11.18
N LYS A 119 0.60 -13.18 11.68
CA LYS A 119 1.64 -14.17 11.39
C LYS A 119 1.59 -14.53 9.90
N ALA A 120 0.38 -14.61 9.36
CA ALA A 120 0.20 -14.93 7.95
C ALA A 120 0.60 -13.71 7.11
N LEU A 121 0.41 -12.51 7.67
CA LEU A 121 0.78 -11.29 6.96
C LEU A 121 2.30 -11.23 6.88
N LYS A 122 2.95 -11.63 7.97
CA LYS A 122 4.40 -11.65 8.06
C LYS A 122 5.01 -12.57 7.01
N ARG A 123 4.55 -13.81 6.96
CA ARG A 123 5.05 -14.77 5.98
C ARG A 123 4.80 -14.30 4.55
N ALA A 124 3.65 -13.66 4.33
CA ALA A 124 3.32 -13.16 3.01
C ALA A 124 4.29 -12.04 2.60
N VAL A 125 4.57 -11.13 3.52
CA VAL A 125 5.48 -10.04 3.22
C VAL A 125 6.86 -10.58 2.87
N ALA A 126 7.27 -11.66 3.53
CA ALA A 126 8.57 -12.26 3.25
C ALA A 126 8.58 -13.07 1.95
N ARG A 127 7.51 -13.82 1.69
CA ARG A 127 7.42 -14.63 0.48
C ARG A 127 7.11 -13.87 -0.79
N VAL A 128 6.25 -12.87 -0.70
CA VAL A 128 5.86 -12.10 -1.87
C VAL A 128 6.63 -10.78 -2.03
N GLY A 129 6.51 -9.93 -1.03
CA GLY A 129 7.14 -8.62 -1.04
C GLY A 129 6.20 -7.63 -0.40
N PRO A 130 6.32 -6.32 -0.66
CA PRO A 130 5.41 -5.35 -0.05
C PRO A 130 3.94 -5.68 -0.27
N VAL A 131 3.16 -5.63 0.81
CA VAL A 131 1.74 -5.94 0.75
C VAL A 131 0.85 -4.72 1.04
N SER A 132 -0.31 -4.67 0.38
CA SER A 132 -1.27 -3.60 0.59
C SER A 132 -2.10 -3.93 1.82
N VAL A 133 -2.28 -2.96 2.72
CA VAL A 133 -3.05 -3.21 3.92
C VAL A 133 -3.92 -2.01 4.26
N ALA A 134 -4.92 -2.26 5.09
CA ALA A 134 -5.85 -1.23 5.53
C ALA A 134 -5.67 -1.09 7.04
N ILE A 135 -5.63 0.16 7.52
CA ILE A 135 -5.45 0.43 8.95
C ILE A 135 -6.40 1.48 9.47
N ASP A 136 -6.37 1.70 10.78
CA ASP A 136 -7.17 2.75 11.39
C ASP A 136 -6.19 3.89 11.59
N ALA A 137 -6.25 4.88 10.71
CA ALA A 137 -5.36 6.03 10.78
C ALA A 137 -6.15 7.29 11.08
N SER A 138 -7.18 7.16 11.91
CA SER A 138 -8.04 8.28 12.24
C SER A 138 -7.62 9.05 13.49
N LEU A 139 -6.58 8.60 14.16
CA LEU A 139 -6.14 9.23 15.39
C LEU A 139 -5.13 10.38 15.31
N THR A 140 -5.24 11.29 16.27
CA THR A 140 -4.36 12.44 16.39
C THR A 140 -2.91 11.96 16.46
N SER A 141 -2.66 10.91 17.24
CA SER A 141 -1.33 10.36 17.40
C SER A 141 -0.77 9.84 16.08
N PHE A 142 -1.66 9.32 15.22
CA PHE A 142 -1.23 8.79 13.94
C PHE A 142 -0.80 9.93 13.02
N GLN A 143 -1.53 11.04 13.07
CA GLN A 143 -1.20 12.17 12.22
C GLN A 143 0.09 12.86 12.61
N PHE A 144 0.31 13.01 13.91
CA PHE A 144 1.51 13.70 14.38
C PHE A 144 2.65 12.76 14.72
N TYR A 145 2.56 11.54 14.21
CA TYR A 145 3.59 10.53 14.43
C TYR A 145 4.92 11.09 13.95
N SER A 146 5.97 10.88 14.73
CA SER A 146 7.30 11.37 14.35
C SER A 146 8.32 10.22 14.27
N LYS A 147 8.45 9.45 15.35
CA LYS A 147 9.39 8.34 15.39
C LYS A 147 8.98 7.20 16.34
N GLY A 148 9.78 6.13 16.36
CA GLY A 148 9.50 5.01 17.24
C GLY A 148 8.37 4.15 16.73
N VAL A 149 8.05 3.09 17.48
CA VAL A 149 6.97 2.18 17.09
C VAL A 149 5.62 2.75 17.53
N TYR A 150 4.75 2.96 16.55
CA TYR A 150 3.43 3.52 16.78
C TYR A 150 2.51 2.56 17.50
N TYR A 151 1.92 3.03 18.59
CA TYR A 151 1.01 2.22 19.36
C TYR A 151 0.07 3.08 20.18
N ASP A 152 -1.17 3.21 19.72
CA ASP A 152 -2.20 4.00 20.39
C ASP A 152 -3.34 3.01 20.72
N GLU A 153 -3.60 2.81 22.00
CA GLU A 153 -4.65 1.87 22.41
C GLU A 153 -6.09 2.32 22.11
N SER A 154 -6.23 3.44 21.42
CA SER A 154 -7.54 3.94 21.02
C SER A 154 -7.80 3.53 19.57
N CYS A 155 -6.80 2.92 18.95
CA CYS A 155 -6.92 2.45 17.58
C CYS A 155 -7.98 1.36 17.65
N ASN A 156 -8.73 1.20 16.57
CA ASN A 156 -9.75 0.17 16.53
C ASN A 156 -9.58 -0.66 15.27
N SER A 157 -9.33 -1.96 15.44
CA SER A 157 -9.12 -2.84 14.29
C SER A 157 -10.36 -2.96 13.42
N ASP A 158 -11.52 -2.61 13.99
CA ASP A 158 -12.76 -2.67 13.24
C ASP A 158 -13.02 -1.34 12.52
N ASN A 159 -12.13 -0.38 12.72
CA ASN A 159 -12.29 0.94 12.10
C ASN A 159 -11.23 1.22 11.04
N LEU A 160 -11.22 0.41 9.97
CA LEU A 160 -10.28 0.59 8.86
C LEU A 160 -10.70 1.81 8.05
N ASN A 161 -9.78 2.74 7.79
CA ASN A 161 -10.11 3.96 7.04
C ASN A 161 -8.98 4.53 6.20
N HIS A 162 -7.92 3.76 6.03
CA HIS A 162 -6.78 4.22 5.25
C HIS A 162 -6.05 3.01 4.67
N ALA A 163 -5.54 3.16 3.45
CA ALA A 163 -4.83 2.08 2.77
C ALA A 163 -3.38 2.51 2.60
N VAL A 164 -2.47 1.63 3.04
CA VAL A 164 -1.05 1.90 2.96
C VAL A 164 -0.29 0.65 2.55
N LEU A 165 1.03 0.78 2.44
CA LEU A 165 1.88 -0.32 2.00
C LEU A 165 2.88 -0.79 3.04
N ALA A 166 2.91 -2.10 3.27
CA ALA A 166 3.85 -2.69 4.21
C ALA A 166 5.04 -3.20 3.39
N VAL A 167 6.12 -2.43 3.40
CA VAL A 167 7.32 -2.79 2.62
C VAL A 167 8.27 -3.70 3.38
N GLY A 168 7.91 -4.03 4.61
CA GLY A 168 8.74 -4.90 5.43
C GLY A 168 8.29 -4.88 6.87
N TYR A 169 9.11 -5.43 7.75
CA TYR A 169 8.80 -5.47 9.16
C TYR A 169 10.10 -5.76 9.91
N GLY A 170 10.07 -5.61 11.22
CA GLY A 170 11.25 -5.87 12.02
C GLY A 170 11.03 -5.58 13.48
N ILE A 171 12.10 -5.15 14.15
CA ILE A 171 12.02 -4.84 15.56
C ILE A 171 12.96 -3.69 15.93
N GLN A 172 12.48 -2.80 16.80
CA GLN A 172 13.29 -1.67 17.25
C GLN A 172 13.30 -1.69 18.78
N LYS A 173 14.45 -2.03 19.35
CA LYS A 173 14.60 -2.11 20.80
C LYS A 173 13.53 -3.02 21.43
N GLY A 174 13.32 -4.19 20.82
CA GLY A 174 12.35 -5.13 21.37
C GLY A 174 10.91 -4.92 20.96
N ASN A 175 10.62 -3.78 20.35
CA ASN A 175 9.27 -3.50 19.92
C ASN A 175 9.08 -3.90 18.46
N LYS A 176 8.36 -5.00 18.26
CA LYS A 176 8.10 -5.51 16.92
C LYS A 176 7.23 -4.55 16.12
N HIS A 177 7.53 -4.42 14.84
CA HIS A 177 6.77 -3.51 14.01
C HIS A 177 6.64 -3.92 12.55
N TRP A 178 5.86 -3.12 11.84
CA TRP A 178 5.62 -3.27 10.42
C TRP A 178 6.19 -2.01 9.80
N ILE A 179 6.99 -2.14 8.76
CA ILE A 179 7.50 -0.95 8.11
C ILE A 179 6.41 -0.54 7.12
N ILE A 180 5.82 0.61 7.37
CA ILE A 180 4.71 1.12 6.57
C ILE A 180 5.00 2.40 5.77
N LYS A 181 4.76 2.32 4.47
CA LYS A 181 4.96 3.45 3.58
C LYS A 181 3.60 4.13 3.41
N ASN A 182 3.52 5.40 3.77
CA ASN A 182 2.26 6.15 3.68
C ASN A 182 2.25 6.92 2.37
N SER A 183 1.17 7.64 2.11
CA SER A 183 1.06 8.43 0.89
C SER A 183 0.60 9.86 1.19
N TRP A 184 1.07 10.39 2.31
CA TRP A 184 0.74 11.75 2.73
C TRP A 184 1.92 12.69 2.49
N GLY A 185 2.86 12.27 1.66
CA GLY A 185 4.01 13.10 1.37
C GLY A 185 5.18 12.84 2.29
N GLU A 186 6.35 13.32 1.88
CA GLU A 186 7.58 13.14 2.64
C GLU A 186 7.60 13.87 3.98
N ASN A 187 6.78 14.90 4.14
CA ASN A 187 6.77 15.65 5.40
C ASN A 187 5.98 15.00 6.52
N TRP A 188 5.20 13.97 6.18
CA TRP A 188 4.42 13.29 7.20
C TRP A 188 5.28 12.22 7.89
N GLY A 189 5.00 11.98 9.17
CA GLY A 189 5.74 10.99 9.93
C GLY A 189 7.25 11.04 9.75
N ASN A 190 7.88 9.88 9.73
CA ASN A 190 9.33 9.79 9.55
C ASN A 190 9.64 9.67 8.06
N LYS A 191 9.67 10.80 7.38
CA LYS A 191 9.93 10.87 5.94
C LYS A 191 8.91 10.11 5.12
N GLY A 192 7.66 10.11 5.56
CA GLY A 192 6.60 9.43 4.85
C GLY A 192 6.30 8.03 5.38
N TYR A 193 7.19 7.54 6.24
CA TYR A 193 7.03 6.21 6.82
C TYR A 193 6.65 6.23 8.28
N ILE A 194 6.15 5.10 8.75
CA ILE A 194 5.78 4.92 10.16
C ILE A 194 5.96 3.44 10.50
N LEU A 195 6.48 3.17 11.70
CA LEU A 195 6.67 1.82 12.17
C LEU A 195 5.43 1.53 13.00
N MET A 196 4.58 0.63 12.53
CA MET A 196 3.37 0.30 13.27
C MET A 196 3.53 -0.98 14.09
N ALA A 197 3.07 -0.95 15.32
CA ALA A 197 3.18 -2.08 16.23
C ALA A 197 2.80 -3.40 15.58
N ARG A 198 3.68 -4.39 15.75
CA ARG A 198 3.47 -5.73 15.21
C ARG A 198 3.24 -6.72 16.35
N ASN A 199 2.30 -7.65 16.15
CA ASN A 199 1.96 -8.67 17.14
C ASN A 199 1.35 -8.11 18.42
N LYS A 200 0.79 -6.92 18.35
CA LYS A 200 0.13 -6.30 19.51
C LYS A 200 -1.36 -6.47 19.32
N ASN A 201 -1.76 -7.71 19.03
CA ASN A 201 -3.14 -8.05 18.82
C ASN A 201 -3.78 -7.24 17.68
N ASN A 202 -3.19 -7.38 16.50
CA ASN A 202 -3.69 -6.72 15.30
C ASN A 202 -4.01 -5.25 15.50
N ALA A 203 -3.03 -4.50 16.01
CA ALA A 203 -3.20 -3.08 16.27
C ALA A 203 -3.62 -2.31 15.00
N CYS A 204 -4.71 -1.54 15.12
CA CYS A 204 -5.26 -0.77 14.03
C CYS A 204 -5.77 -1.67 12.89
N GLY A 205 -5.93 -2.95 13.18
CA GLY A 205 -6.42 -3.90 12.19
C GLY A 205 -5.56 -4.03 10.95
N ILE A 206 -4.27 -3.76 11.10
CA ILE A 206 -3.33 -3.82 9.98
C ILE A 206 -3.34 -5.13 9.19
N ALA A 207 -4.08 -6.12 9.66
CA ALA A 207 -4.13 -7.41 8.94
C ALA A 207 -5.57 -7.85 8.65
N ASN A 208 -6.53 -6.95 8.83
CA ASN A 208 -7.94 -7.26 8.60
C ASN A 208 -8.32 -7.24 7.13
N LEU A 209 -7.58 -6.47 6.33
CA LEU A 209 -7.86 -6.35 4.91
C LEU A 209 -6.54 -6.26 4.16
N ALA A 210 -5.73 -7.30 4.26
CA ALA A 210 -4.43 -7.36 3.61
C ALA A 210 -4.49 -8.15 2.31
N SER A 211 -3.82 -7.64 1.28
CA SER A 211 -3.80 -8.29 -0.03
C SER A 211 -2.58 -7.89 -0.85
N PHE A 212 -2.32 -8.66 -1.90
CA PHE A 212 -1.21 -8.37 -2.78
C PHE A 212 -1.51 -8.92 -4.16
N PRO A 213 -1.03 -8.23 -5.21
CA PRO A 213 -1.24 -8.64 -6.60
C PRO A 213 -0.41 -9.83 -7.04
N LYS A 214 -1.01 -10.67 -7.88
CA LYS A 214 -0.30 -11.82 -8.43
C LYS A 214 0.33 -11.21 -9.67
N MET A 215 1.55 -11.60 -9.99
CA MET A 215 2.20 -11.06 -11.17
C MET A 215 3.08 -12.14 -11.75
C1 NBL B . -10.53 0.98 4.38
C2 NBL B . -10.12 1.33 2.95
C3 NBL B . -8.81 0.65 2.60
C4 NBL B . -11.19 0.88 1.99
C5 NBL B . -12.36 1.86 2.04
N6 NBL B . -13.42 1.39 1.09
C7 NBL B . -14.33 2.23 0.50
O8 NBL B . -14.73 3.24 1.07
O9 NBL B . -14.79 1.93 -0.71
C10 NBL B . -16.06 2.49 -0.97
C11 NBL B . -16.78 1.61 -1.96
C12 NBL B . -16.06 0.95 -2.95
C13 NBL B . -16.72 0.14 -3.87
C14 NBL B . -18.10 -0.02 -3.80
C15 NBL B . -18.82 0.65 -2.81
C16 NBL B . -18.17 1.46 -1.89
C17 NBL B . -11.84 3.29 1.67
O18 NBL B . -11.22 3.47 0.63
N19 NBL B . -12.14 4.35 2.50
C20 NBL B . -11.15 5.41 2.88
C21 NBL B . -11.55 6.74 2.28
C22 NBL B . -10.22 7.44 1.95
N23 NBL B . -9.13 6.52 2.34
C24 NBL B . -9.73 5.16 2.44
C25 NBL B . -8.06 6.61 1.43
N26 NBL B . -7.61 7.82 1.09
#